data_4OQH
#
_entry.id   4OQH
#
_cell.length_a   155.540
_cell.length_b   47.030
_cell.length_c   34.620
_cell.angle_alpha   90.00
_cell.angle_beta   92.50
_cell.angle_gamma   90.00
#
_symmetry.space_group_name_H-M   'C 1 2 1'
#
loop_
_entity.id
_entity.type
_entity.pdbx_description
1 polymer 'Extended spectrum beta-lactamase TEM-63'
2 non-polymer 1,2-ETHANEDIOL
3 non-polymer 'CALCIUM ION'
4 non-polymer '3-[(2R)-2-{[(2R)-2-amino-2-phenylacetyl]amino}-2-(dihydroxyboranyl)ethyl]benzoic acid'
5 water water
#
_entity_poly.entity_id   1
_entity_poly.type   'polypeptide(L)'
_entity_poly.pdbx_seq_one_letter_code
;HPETLVKVKDAEDQLGGRVGYIELDLASGKILESFRPEERFPMMSTFKVLLCGAVLSRVDAGQEQLGRRIHYSQNDLVEY
SPVTEKHLTDGMTVGELCSAAITMSDNTAANLLLTTIGGPKELTAFLHNMGDHVTRLDSWEPELNEAIPNDERDTTTPVA
MATTLRKLLTGELLTAASRQQLIDWMEADKVAGPLLRSALPAGWFIADKSGAGERGSRGIIAALGPDGKPSRIVVIYMTG
SQATMDERNRQIAEIGASLIKHW
;
_entity_poly.pdbx_strand_id   A
#
loop_
_chem_comp.id
_chem_comp.type
_chem_comp.name
_chem_comp.formula
2UL non-polymer '3-[(2R)-2-{[(2R)-2-amino-2-phenylacetyl]amino}-2-(dihydroxyboranyl)ethyl]benzoic acid' 'C17 H19 B N2 O5'
CA non-polymer 'CALCIUM ION' 'Ca 2'
EDO non-polymer 1,2-ETHANEDIOL 'C2 H6 O2'
#
# COMPACT_ATOMS: atom_id res chain seq x y z
N HIS A 1 10.92 3.30 -24.56
CA HIS A 1 9.99 3.85 -23.54
C HIS A 1 10.18 5.36 -23.36
N PRO A 2 9.06 6.11 -23.28
CA PRO A 2 9.11 7.56 -23.17
C PRO A 2 9.53 8.03 -21.78
N GLU A 3 9.78 9.33 -21.64
CA GLU A 3 10.07 9.94 -20.34
C GLU A 3 8.92 9.60 -19.40
N THR A 4 9.25 9.45 -18.12
CA THR A 4 8.28 8.91 -17.16
C THR A 4 7.02 9.78 -17.01
N LEU A 5 7.19 11.09 -16.88
CA LEU A 5 6.05 11.98 -16.71
CA LEU A 5 6.04 11.96 -16.70
C LEU A 5 5.17 11.99 -17.95
N VAL A 6 5.80 11.88 -19.12
CA VAL A 6 5.07 11.78 -20.37
C VAL A 6 4.28 10.47 -20.38
N LYS A 7 4.93 9.39 -19.96
CA LYS A 7 4.25 8.09 -19.90
C LYS A 7 3.09 8.08 -18.90
N VAL A 8 3.26 8.76 -17.77
CA VAL A 8 2.19 8.85 -16.78
C VAL A 8 0.96 9.59 -17.37
N LYS A 9 1.22 10.74 -17.97
CA LYS A 9 0.16 11.52 -18.62
C LYS A 9 -0.49 10.72 -19.74
N ASP A 10 0.31 9.90 -20.43
CA ASP A 10 -0.19 9.06 -21.52
C ASP A 10 -1.12 7.98 -20.98
N ALA A 11 -0.71 7.37 -19.86
CA ALA A 11 -1.54 6.40 -19.19
C ALA A 11 -2.91 6.99 -18.86
N GLU A 12 -2.92 8.20 -18.33
CA GLU A 12 -4.16 8.86 -17.99
C GLU A 12 -4.98 9.15 -19.24
N ASP A 13 -4.31 9.56 -20.32
CA ASP A 13 -4.97 9.77 -21.61
C ASP A 13 -5.68 8.51 -22.09
N GLN A 14 -5.05 7.36 -21.91
CA GLN A 14 -5.58 6.09 -22.42
C GLN A 14 -6.64 5.49 -21.52
N LEU A 15 -6.42 5.61 -20.21
CA LEU A 15 -7.32 5.02 -19.23
C LEU A 15 -8.54 5.87 -18.94
N GLY A 16 -8.39 7.19 -18.99
CA GLY A 16 -9.41 8.06 -18.42
C GLY A 16 -9.22 8.04 -16.91
N GLY A 17 -10.13 8.65 -16.16
CA GLY A 17 -9.92 8.80 -14.71
C GLY A 17 -8.67 9.63 -14.44
N ARG A 18 -8.06 9.41 -13.28
CA ARG A 18 -6.83 10.08 -12.88
C ARG A 18 -5.74 9.08 -12.54
N VAL A 19 -4.51 9.49 -12.83
CA VAL A 19 -3.30 8.76 -12.44
C VAL A 19 -2.42 9.70 -11.63
N GLY A 20 -1.94 9.22 -10.50
CA GLY A 20 -1.08 10.02 -9.65
C GLY A 20 0.24 9.30 -9.49
N TYR A 21 1.31 10.06 -9.36
CA TYR A 21 2.66 9.49 -9.37
C TYR A 21 3.63 10.37 -8.60
N ILE A 22 4.48 9.74 -7.80
CA ILE A 22 5.57 10.48 -7.19
C ILE A 22 6.79 9.58 -7.04
N GLU A 23 7.97 10.17 -7.19
CA GLU A 23 9.22 9.46 -6.97
C GLU A 23 10.03 10.26 -5.97
N LEU A 24 10.47 9.60 -4.89
CA LEU A 24 11.24 10.23 -3.84
C LEU A 24 12.63 9.64 -3.76
N ASP A 25 13.62 10.46 -3.40
CA ASP A 25 14.94 9.94 -3.06
C ASP A 25 14.85 9.39 -1.65
N LEU A 26 15.26 8.14 -1.46
CA LEU A 26 15.09 7.51 -0.15
C LEU A 26 15.99 8.14 0.90
N ALA A 27 17.25 8.37 0.55
CA ALA A 27 18.22 8.93 1.50
C ALA A 27 17.85 10.35 1.94
N SER A 28 17.49 11.21 0.99
CA SER A 28 17.28 12.63 1.30
C SER A 28 15.82 13.00 1.55
N GLY A 29 14.89 12.24 0.95
CA GLY A 29 13.47 12.56 1.07
C GLY A 29 12.99 13.56 0.03
N LYS A 30 13.91 14.12 -0.75
CA LYS A 30 13.55 15.10 -1.77
C LYS A 30 12.67 14.52 -2.88
N ILE A 31 11.68 15.30 -3.32
CA ILE A 31 10.86 14.89 -4.46
C ILE A 31 11.63 15.02 -5.79
N LEU A 32 11.75 13.92 -6.52
CA LEU A 32 12.47 13.90 -7.80
C LEU A 32 11.55 14.25 -8.97
N GLU A 33 10.32 13.73 -8.93
CA GLU A 33 9.32 14.06 -9.92
C GLU A 33 7.94 13.63 -9.47
N SER A 34 6.91 14.27 -10.01
CA SER A 34 5.55 13.97 -9.57
C SER A 34 4.48 14.34 -10.59
N PHE A 35 3.27 13.85 -10.34
CA PHE A 35 2.11 14.21 -11.14
C PHE A 35 0.89 14.02 -10.26
N ARG A 36 0.09 15.07 -10.11
CA ARG A 36 -1.05 15.05 -9.19
C ARG A 36 -0.60 14.64 -7.79
N PRO A 37 0.52 15.18 -7.32
CA PRO A 37 1.07 14.73 -6.03
C PRO A 37 0.17 14.94 -4.83
N GLU A 38 -0.69 15.96 -4.87
CA GLU A 38 -1.47 16.37 -3.71
C GLU A 38 -2.96 16.05 -3.87
N GLU A 39 -3.31 15.32 -4.93
CA GLU A 39 -4.72 14.93 -5.12
C GLU A 39 -5.01 13.61 -4.42
N ARG A 40 -6.24 13.45 -3.93
CA ARG A 40 -6.63 12.22 -3.25
C ARG A 40 -6.93 11.05 -4.18
N PHE A 41 -6.50 9.86 -3.75
CA PHE A 41 -6.79 8.59 -4.42
C PHE A 41 -7.18 7.55 -3.35
N PRO A 42 -8.04 6.58 -3.71
CA PRO A 42 -8.30 5.50 -2.76
C PRO A 42 -7.03 4.68 -2.49
N MET A 43 -6.75 4.40 -1.22
CA MET A 43 -5.56 3.60 -0.89
C MET A 43 -5.68 2.16 -1.32
N MET A 44 -6.90 1.63 -1.26
CA MET A 44 -7.13 0.20 -1.48
C MET A 44 -6.22 -0.60 -0.56
N SER A 45 -5.75 -1.76 -1.03
CA SER A 45 -5.00 -2.66 -0.14
C SER A 45 -3.59 -2.13 0.23
N THR A 46 -3.16 -1.03 -0.38
CA THR A 46 -1.86 -0.46 0.00
C THR A 46 -1.83 -0.01 1.46
N PHE A 47 -3.00 0.18 2.07
CA PHE A 47 -3.06 0.60 3.46
C PHE A 47 -2.47 -0.45 4.38
N LYS A 48 -2.41 -1.69 3.90
CA LYS A 48 -2.00 -2.80 4.77
C LYS A 48 -0.57 -2.65 5.23
N VAL A 49 0.24 -1.91 4.48
CA VAL A 49 1.60 -1.60 4.94
C VAL A 49 1.55 -0.64 6.13
N LEU A 50 0.71 0.38 6.06
CA LEU A 50 0.59 1.33 7.19
C LEU A 50 0.01 0.64 8.42
N LEU A 51 -0.95 -0.26 8.19
CA LEU A 51 -1.52 -1.03 9.28
C LEU A 51 -0.44 -1.80 10.04
N CYS A 52 0.42 -2.49 9.31
CA CYS A 52 1.47 -3.26 9.96
C CYS A 52 2.55 -2.38 10.58
N GLY A 53 2.70 -1.18 10.03
CA GLY A 53 3.52 -0.17 10.69
C GLY A 53 3.00 0.11 12.08
N ALA A 54 1.68 0.31 12.18
CA ALA A 54 1.04 0.58 13.47
C ALA A 54 1.18 -0.62 14.41
N VAL A 55 1.08 -1.82 13.86
CA VAL A 55 1.25 -3.02 14.68
C VAL A 55 2.69 -3.09 15.20
N LEU A 56 3.65 -2.80 14.35
CA LEU A 56 5.05 -2.85 14.74
C LEU A 56 5.35 -1.77 15.79
N SER A 57 4.74 -0.61 15.63
CA SER A 57 4.86 0.45 16.63
C SER A 57 4.39 -0.05 18.02
N ARG A 58 3.28 -0.78 18.06
CA ARG A 58 2.83 -1.33 19.32
C ARG A 58 3.79 -2.39 19.87
N VAL A 59 4.40 -3.19 18.98
CA VAL A 59 5.41 -4.15 19.42
C VAL A 59 6.59 -3.41 20.03
N ASP A 60 6.99 -2.31 19.40
CA ASP A 60 8.12 -1.51 19.88
C ASP A 60 7.78 -0.87 21.24
N ALA A 61 6.49 -0.60 21.46
CA ALA A 61 6.02 0.04 22.69
C ALA A 61 5.74 -0.99 23.77
N GLY A 62 5.97 -2.26 23.45
CA GLY A 62 5.78 -3.35 24.42
C GLY A 62 4.31 -3.66 24.65
N GLN A 63 3.48 -3.35 23.65
CA GLN A 63 2.03 -3.56 23.75
C GLN A 63 1.53 -4.72 22.89
N GLU A 64 2.46 -5.33 22.15
CA GLU A 64 2.09 -6.39 21.23
C GLU A 64 3.29 -7.30 21.00
N GLN A 65 3.03 -8.54 20.64
CA GLN A 65 4.10 -9.46 20.26
C GLN A 65 3.77 -10.09 18.91
N LEU A 66 4.74 -10.15 18.00
CA LEU A 66 4.49 -10.75 16.69
C LEU A 66 4.19 -12.25 16.82
N GLY A 67 4.65 -12.85 17.90
CA GLY A 67 4.41 -14.28 18.13
C GLY A 67 3.05 -14.62 18.71
N ARG A 68 2.27 -13.60 19.03
CA ARG A 68 0.96 -13.84 19.65
C ARG A 68 -0.03 -14.47 18.68
N ARG A 69 -0.49 -15.68 19.03
CA ARG A 69 -1.43 -16.41 18.18
C ARG A 69 -2.86 -15.92 18.35
N ILE A 70 -3.51 -15.63 17.22
CA ILE A 70 -4.89 -15.17 17.19
C ILE A 70 -5.76 -16.23 16.53
N HIS A 71 -6.86 -16.58 17.17
CA HIS A 71 -7.82 -17.53 16.60
C HIS A 71 -9.05 -16.76 16.11
N TYR A 72 -9.72 -17.33 15.13
CA TYR A 72 -10.90 -16.67 14.57
C TYR A 72 -11.83 -17.71 13.97
N SER A 73 -13.05 -17.28 13.66
CA SER A 73 -14.10 -18.15 13.16
CA SER A 73 -14.05 -18.20 13.15
C SER A 73 -14.33 -17.99 11.66
N GLN A 74 -15.05 -18.94 11.06
CA GLN A 74 -15.42 -18.82 9.65
C GLN A 74 -16.27 -17.57 9.45
N ASN A 75 -16.96 -17.14 10.51
CA ASN A 75 -17.80 -15.96 10.43
C ASN A 75 -16.98 -14.67 10.27
N ASP A 76 -15.70 -14.74 10.64
CA ASP A 76 -14.82 -13.59 10.50
C ASP A 76 -14.30 -13.40 9.09
N LEU A 77 -14.42 -14.44 8.27
CA LEU A 77 -13.83 -14.42 6.92
C LEU A 77 -14.57 -13.46 5.98
N VAL A 78 -13.80 -12.62 5.28
CA VAL A 78 -14.36 -11.81 4.19
C VAL A 78 -13.66 -12.16 2.88
N GLU A 79 -14.15 -11.62 1.77
CA GLU A 79 -13.58 -11.98 0.46
C GLU A 79 -12.08 -11.74 0.41
N TYR A 80 -11.40 -12.47 -0.47
CA TYR A 80 -9.98 -12.30 -0.71
C TYR A 80 -9.13 -12.55 0.53
N SER A 81 -9.27 -13.74 1.11
CA SER A 81 -8.51 -14.10 2.28
C SER A 81 -7.86 -15.46 2.08
N PRO A 82 -6.91 -15.55 1.12
CA PRO A 82 -6.34 -16.81 0.64
C PRO A 82 -5.53 -17.54 1.69
N VAL A 83 -5.02 -16.80 2.67
CA VAL A 83 -4.21 -17.41 3.73
C VAL A 83 -5.05 -17.72 4.95
N THR A 84 -5.75 -16.71 5.46
CA THR A 84 -6.56 -16.86 6.68
C THR A 84 -7.61 -17.97 6.56
N GLU A 85 -8.17 -18.12 5.36
CA GLU A 85 -9.20 -19.13 5.16
C GLU A 85 -8.65 -20.55 5.34
N LYS A 86 -7.33 -20.68 5.42
CA LYS A 86 -6.68 -22.01 5.52
C LYS A 86 -6.23 -22.32 6.95
N HIS A 87 -6.50 -21.43 7.88
CA HIS A 87 -6.03 -21.61 9.25
C HIS A 87 -7.12 -21.41 10.28
N LEU A 88 -8.31 -21.91 9.97
CA LEU A 88 -9.43 -21.70 10.86
C LEU A 88 -9.24 -22.46 12.17
N THR A 89 -8.54 -23.59 12.11
CA THR A 89 -8.26 -24.38 13.32
C THR A 89 -7.05 -23.90 14.10
N ASP A 90 -5.92 -23.76 13.42
CA ASP A 90 -4.66 -23.45 14.08
CA ASP A 90 -4.65 -23.44 14.06
C ASP A 90 -4.45 -21.96 14.28
N GLY A 91 -5.26 -21.13 13.61
CA GLY A 91 -5.10 -19.68 13.74
C GLY A 91 -3.78 -19.20 13.19
N MET A 92 -3.42 -17.94 13.48
CA MET A 92 -2.19 -17.35 12.97
C MET A 92 -1.61 -16.35 13.95
N THR A 93 -0.28 -16.24 13.97
CA THR A 93 0.35 -15.23 14.80
C THR A 93 0.16 -13.87 14.17
N VAL A 94 0.28 -12.85 15.00
CA VAL A 94 0.25 -11.47 14.55
C VAL A 94 1.26 -11.27 13.41
N GLY A 95 2.48 -11.77 13.59
CA GLY A 95 3.50 -11.68 12.52
C GLY A 95 3.06 -12.38 11.25
N GLU A 96 2.42 -13.54 11.40
CA GLU A 96 1.90 -14.28 10.23
C GLU A 96 0.78 -13.50 9.56
N LEU A 97 -0.03 -12.83 10.37
CA LEU A 97 -1.14 -12.04 9.82
C LEU A 97 -0.60 -10.88 8.98
N CYS A 98 0.43 -10.22 9.48
CA CYS A 98 1.04 -9.14 8.71
C CYS A 98 1.67 -9.65 7.41
N SER A 99 2.33 -10.80 7.47
CA SER A 99 2.90 -11.37 6.24
C SER A 99 1.80 -11.66 5.23
N ALA A 100 0.67 -12.19 5.71
CA ALA A 100 -0.44 -12.51 4.82
C ALA A 100 -1.08 -11.25 4.26
N ALA A 101 -1.32 -10.27 5.13
CA ALA A 101 -1.89 -8.99 4.69
C ALA A 101 -1.03 -8.28 3.64
N ILE A 102 0.28 -8.24 3.87
CA ILE A 102 1.17 -7.54 2.93
C ILE A 102 1.49 -8.39 1.69
N THR A 103 1.92 -9.63 1.89
CA THR A 103 2.46 -10.42 0.77
C THR A 103 1.38 -11.05 -0.10
N MET A 104 0.18 -11.23 0.45
CA MET A 104 -0.90 -11.90 -0.27
C MET A 104 -2.16 -11.03 -0.34
N SER A 105 -2.09 -9.84 0.24
CA SER A 105 -3.23 -8.92 0.28
C SER A 105 -4.43 -9.47 1.04
N ASP A 106 -4.16 -10.33 2.02
CA ASP A 106 -5.23 -11.03 2.71
C ASP A 106 -6.13 -10.08 3.50
N ASN A 107 -7.43 -10.07 3.19
CA ASN A 107 -8.36 -9.11 3.80
C ASN A 107 -8.74 -9.41 5.24
N THR A 108 -9.05 -10.66 5.53
CA THR A 108 -9.38 -11.03 6.90
C THR A 108 -8.16 -10.82 7.79
N ALA A 109 -6.97 -11.09 7.26
CA ALA A 109 -5.75 -10.83 8.04
C ALA A 109 -5.69 -9.35 8.39
N ALA A 110 -6.00 -8.48 7.43
CA ALA A 110 -6.01 -7.03 7.71
C ALA A 110 -7.06 -6.64 8.75
N ASN A 111 -8.24 -7.25 8.65
CA ASN A 111 -9.31 -6.93 9.57
C ASN A 111 -8.94 -7.37 10.98
N LEU A 112 -8.37 -8.57 11.09
CA LEU A 112 -7.93 -9.07 12.39
C LEU A 112 -6.89 -8.17 13.02
N LEU A 113 -5.98 -7.64 12.19
CA LEU A 113 -4.93 -6.73 12.67
C LEU A 113 -5.50 -5.36 13.04
N LEU A 114 -6.49 -4.89 12.29
CA LEU A 114 -7.18 -3.65 12.63
C LEU A 114 -7.82 -3.77 14.02
N THR A 115 -8.40 -4.92 14.30
CA THR A 115 -8.96 -5.17 15.62
C THR A 115 -7.92 -5.00 16.72
N THR A 116 -6.71 -5.52 16.50
CA THR A 116 -5.65 -5.42 17.51
C THR A 116 -5.27 -3.98 17.85
N ILE A 117 -5.42 -3.08 16.90
CA ILE A 117 -5.04 -1.68 17.14
C ILE A 117 -6.22 -0.77 17.46
N GLY A 118 -7.44 -1.29 17.38
CA GLY A 118 -8.60 -0.49 17.74
C GLY A 118 -9.39 0.09 16.57
N GLY A 119 -9.15 -0.45 15.39
CA GLY A 119 -9.96 -0.13 14.21
C GLY A 119 -9.39 0.96 13.33
N PRO A 120 -10.07 1.22 12.20
CA PRO A 120 -9.63 2.21 11.23
C PRO A 120 -9.40 3.57 11.88
N LYS A 121 -10.26 3.95 12.81
CA LYS A 121 -10.09 5.20 13.56
C LYS A 121 -8.70 5.32 14.22
N GLU A 122 -8.22 4.22 14.80
CA GLU A 122 -6.93 4.24 15.50
C GLU A 122 -5.78 4.20 14.52
N LEU A 123 -5.98 3.58 13.36
CA LEU A 123 -4.94 3.64 12.32
C LEU A 123 -4.75 5.08 11.89
N THR A 124 -5.86 5.79 11.72
CA THR A 124 -5.80 7.17 11.27
C THR A 124 -5.12 8.04 12.32
N ALA A 125 -5.38 7.74 13.59
CA ALA A 125 -4.76 8.47 14.67
C ALA A 125 -3.28 8.20 14.70
N PHE A 126 -2.89 6.95 14.47
CA PHE A 126 -1.48 6.59 14.41
C PHE A 126 -0.79 7.40 13.33
N LEU A 127 -1.42 7.52 12.17
CA LEU A 127 -0.85 8.28 11.07
C LEU A 127 -0.76 9.76 11.44
N HIS A 128 -1.85 10.33 11.91
CA HIS A 128 -1.87 11.72 12.34
C HIS A 128 -0.72 11.97 13.31
N ASN A 129 -0.51 11.02 14.21
CA ASN A 129 0.46 11.15 15.27
C ASN A 129 1.91 11.09 14.78
N MET A 130 2.14 10.48 13.62
CA MET A 130 3.50 10.44 13.05
CA MET A 130 3.49 10.43 13.05
C MET A 130 3.69 11.54 12.02
N GLY A 131 2.69 12.41 11.88
CA GLY A 131 2.85 13.61 11.06
C GLY A 131 2.09 13.61 9.73
N ASP A 132 1.39 12.52 9.46
CA ASP A 132 0.55 12.40 8.26
C ASP A 132 -0.87 12.87 8.58
N HIS A 133 -1.17 14.11 8.18
CA HIS A 133 -2.47 14.71 8.44
C HIS A 133 -3.39 14.66 7.22
N VAL A 134 -3.12 13.75 6.30
CA VAL A 134 -3.84 13.62 5.03
C VAL A 134 -4.51 12.24 4.90
N THR A 135 -3.71 11.21 5.09
CA THR A 135 -4.16 9.84 4.87
C THR A 135 -5.21 9.46 5.91
N ARG A 136 -6.29 8.84 5.47
CA ARG A 136 -7.34 8.44 6.40
C ARG A 136 -7.88 7.07 6.01
N LEU A 137 -8.00 6.18 7.00
CA LEU A 137 -8.73 4.93 6.83
C LEU A 137 -10.02 5.04 7.62
N ASP A 138 -11.13 4.75 6.96
CA ASP A 138 -12.44 4.91 7.57
C ASP A 138 -13.22 3.59 7.62
N SER A 139 -12.86 2.66 6.74
CA SER A 139 -13.62 1.43 6.59
C SER A 139 -12.75 0.20 6.82
N TRP A 140 -13.40 -0.95 6.99
CA TRP A 140 -12.72 -2.24 7.06
C TRP A 140 -12.73 -2.87 5.68
N GLU A 141 -11.99 -3.96 5.49
N GLU A 141 -11.99 -3.97 5.50
CA GLU A 141 -12.08 -4.73 4.26
CA GLU A 141 -12.06 -4.73 4.25
C GLU A 141 -13.38 -5.54 4.33
C GLU A 141 -13.39 -5.48 4.22
N PRO A 142 -14.07 -5.69 3.20
N PRO A 142 -14.06 -5.51 3.06
CA PRO A 142 -13.68 -5.18 1.89
CA PRO A 142 -13.62 -4.92 1.80
C PRO A 142 -14.48 -3.94 1.44
C PRO A 142 -14.28 -3.58 1.48
N GLU A 143 -14.92 -3.11 2.39
N GLU A 143 -15.05 -3.04 2.43
CA GLU A 143 -15.70 -1.93 2.02
CA GLU A 143 -15.81 -1.82 2.18
C GLU A 143 -14.84 -0.74 1.60
C GLU A 143 -14.92 -0.61 1.89
N LEU A 144 -13.58 -0.73 2.02
N LEU A 144 -13.62 -0.75 2.11
CA LEU A 144 -12.71 0.42 1.80
CA LEU A 144 -12.69 0.36 1.94
C LEU A 144 -12.27 0.55 0.35
C LEU A 144 -12.27 0.50 0.49
N ASN A 145 -12.67 -0.41 -0.49
N ASN A 145 -12.84 -0.34 -0.38
CA ASN A 145 -12.31 -0.41 -1.89
CA ASN A 145 -12.51 -0.32 -1.80
C ASN A 145 -13.33 0.23 -2.81
C ASN A 145 -13.58 0.28 -2.69
N GLU A 146 -14.25 1.02 -2.25
N GLU A 146 -14.69 0.72 -2.10
CA GLU A 146 -15.36 1.56 -3.01
CA GLU A 146 -15.82 1.24 -2.88
C GLU A 146 -14.95 2.70 -3.93
C GLU A 146 -15.37 2.27 -3.91
N ALA A 147 -13.78 3.28 -3.66
N ALA A 147 -14.46 3.15 -3.50
CA ALA A 147 -13.27 4.38 -4.48
CA ALA A 147 -13.87 4.12 -4.41
C ALA A 147 -14.37 5.40 -4.75
C ALA A 147 -14.86 5.14 -5.00
N ILE A 148 -15.08 5.79 -3.69
N ILE A 148 -15.88 5.49 -4.22
CA ILE A 148 -16.21 6.70 -3.78
CA ILE A 148 -16.70 6.66 -4.57
C ILE A 148 -17.54 5.95 -3.62
C ILE A 148 -15.71 7.82 -4.61
N PRO A 149 -18.38 6.38 -2.67
N PRO A 149 -16.04 8.94 -5.26
CA PRO A 149 -18.13 7.51 -1.77
CA PRO A 149 -17.15 9.79 -5.59
C PRO A 149 -17.05 7.21 -0.73
C PRO A 149 -17.98 10.18 -4.36
N ASN A 150 -17.08 7.92 0.40
N ASN A 150 -17.60 11.27 -3.73
CA ASN A 150 -18.11 8.92 0.66
CA ASN A 150 -16.42 12.06 -4.16
C ASN A 150 -17.62 10.08 1.54
C ASN A 150 -15.08 11.33 -4.36
N ASP A 151 -16.76 10.94 0.99
N ASP A 151 -14.49 10.78 -3.31
CA ASP A 151 -16.27 10.80 -0.38
CA ASP A 151 -15.03 10.76 -1.95
C ASP A 151 -14.75 10.72 -0.40
C ASP A 151 -13.88 10.49 -0.98
N GLU A 152 -14.12 11.36 0.58
N GLU A 152 -13.80 11.24 0.12
CA GLU A 152 -12.66 11.32 0.70
CA GLU A 152 -12.57 11.31 0.91
C GLU A 152 -12.23 10.23 1.67
C GLU A 152 -12.30 10.16 1.91
N ARG A 153 -13.20 9.42 2.09
N ARG A 153 -13.27 9.26 2.08
CA ARG A 153 -12.91 8.31 3.00
CA ARG A 153 -13.06 8.12 2.97
C ARG A 153 -11.92 7.35 2.38
C ARG A 153 -12.03 7.16 2.38
N ASP A 154 -11.06 6.76 3.21
N ASP A 154 -11.09 6.72 3.20
CA ASP A 154 -10.18 5.69 2.77
CA ASP A 154 -10.14 5.67 2.80
C ASP A 154 -9.22 6.15 1.68
C ASP A 154 -9.20 6.14 1.69
N THR A 155 -8.79 7.41 1.76
CA THR A 155 -7.90 7.98 0.75
C THR A 155 -6.55 8.47 1.29
N THR A 156 -5.61 8.59 0.37
CA THR A 156 -4.32 9.22 0.62
C THR A 156 -3.99 10.08 -0.59
N THR A 157 -2.83 10.71 -0.57
CA THR A 157 -2.31 11.39 -1.76
C THR A 157 -0.95 10.78 -2.07
N PRO A 158 -0.49 10.96 -3.31
CA PRO A 158 0.78 10.29 -3.61
C PRO A 158 1.89 10.76 -2.68
N VAL A 159 1.98 12.08 -2.45
CA VAL A 159 3.05 12.58 -1.62
C VAL A 159 2.86 12.20 -0.14
N ALA A 160 1.63 12.21 0.36
CA ALA A 160 1.40 11.77 1.74
C ALA A 160 1.86 10.33 1.94
N MET A 161 1.40 9.46 1.05
CA MET A 161 1.75 8.04 1.15
C MET A 161 3.24 7.81 1.02
N ALA A 162 3.88 8.48 0.06
CA ALA A 162 5.31 8.33 -0.15
C ALA A 162 6.11 8.81 1.08
N THR A 163 5.73 9.97 1.61
CA THR A 163 6.41 10.52 2.77
CA THR A 163 6.43 10.51 2.75
C THR A 163 6.27 9.63 3.99
N THR A 164 5.04 9.16 4.24
CA THR A 164 4.76 8.24 5.33
C THR A 164 5.49 6.90 5.18
N LEU A 165 5.47 6.33 3.99
CA LEU A 165 6.21 5.10 3.75
C LEU A 165 7.69 5.30 4.05
N ARG A 166 8.24 6.42 3.59
CA ARG A 166 9.66 6.69 3.84
C ARG A 166 9.94 6.77 5.35
N LYS A 167 9.10 7.50 6.07
CA LYS A 167 9.28 7.62 7.52
CA LYS A 167 9.30 7.63 7.52
C LYS A 167 9.24 6.26 8.20
N LEU A 168 8.30 5.40 7.77
CA LEU A 168 8.20 4.08 8.36
C LEU A 168 9.44 3.22 8.08
N LEU A 169 9.98 3.33 6.87
CA LEU A 169 11.06 2.43 6.46
C LEU A 169 12.45 2.87 6.90
N THR A 170 12.63 4.18 7.06
CA THR A 170 13.97 4.72 7.34
C THR A 170 14.04 5.64 8.55
N GLY A 171 12.88 6.05 9.09
CA GLY A 171 12.84 7.01 10.19
C GLY A 171 13.07 6.35 11.54
N GLU A 172 13.16 7.17 12.59
CA GLU A 172 13.41 6.65 13.93
C GLU A 172 12.13 6.32 14.67
N LEU A 173 11.02 6.32 13.94
CA LEU A 173 9.72 6.00 14.52
CA LEU A 173 9.72 6.01 14.52
C LEU A 173 9.68 4.55 14.99
N LEU A 174 10.06 3.64 14.11
CA LEU A 174 10.17 2.22 14.45
C LEU A 174 11.61 1.88 14.82
N THR A 175 11.81 0.83 15.60
CA THR A 175 13.16 0.35 15.88
C THR A 175 13.79 -0.17 14.60
N ALA A 176 15.11 -0.35 14.61
CA ALA A 176 15.77 -0.88 13.42
C ALA A 176 15.17 -2.24 13.04
N ALA A 177 14.93 -3.09 14.03
CA ALA A 177 14.37 -4.42 13.78
C ALA A 177 13.00 -4.32 13.12
N SER A 178 12.20 -3.38 13.60
CA SER A 178 10.84 -3.24 13.09
C SER A 178 10.82 -2.66 11.68
N ARG A 179 11.65 -1.65 11.43
CA ARG A 179 11.76 -1.11 10.08
C ARG A 179 12.15 -2.23 9.13
N GLN A 180 13.10 -3.05 9.56
CA GLN A 180 13.57 -4.16 8.73
C GLN A 180 12.48 -5.20 8.47
N GLN A 181 11.70 -5.53 9.50
CA GLN A 181 10.63 -6.50 9.33
C GLN A 181 9.61 -5.97 8.32
N LEU A 182 9.29 -4.67 8.40
CA LEU A 182 8.28 -4.11 7.51
C LEU A 182 8.73 -4.19 6.06
N ILE A 183 9.96 -3.82 5.80
CA ILE A 183 10.48 -3.89 4.44
C ILE A 183 10.64 -5.35 3.99
N ASP A 184 10.99 -6.24 4.93
CA ASP A 184 11.12 -7.66 4.62
C ASP A 184 9.79 -8.24 4.13
N TRP A 185 8.69 -7.83 4.78
CA TRP A 185 7.39 -8.29 4.34
C TRP A 185 7.14 -7.77 2.92
N MET A 186 7.42 -6.49 2.70
CA MET A 186 7.17 -5.89 1.38
C MET A 186 8.06 -6.50 0.31
N GLU A 187 9.30 -6.83 0.67
CA GLU A 187 10.21 -7.47 -0.30
C GLU A 187 9.64 -8.83 -0.69
N ALA A 188 8.94 -9.48 0.22
CA ALA A 188 8.40 -10.81 -0.04
C ALA A 188 7.03 -10.82 -0.72
N ASP A 189 6.56 -9.65 -1.15
CA ASP A 189 5.30 -9.52 -1.87
C ASP A 189 5.12 -10.59 -2.95
N LYS A 190 3.97 -11.26 -2.95
CA LYS A 190 3.74 -12.37 -3.90
C LYS A 190 2.77 -12.05 -5.03
N VAL A 191 2.06 -10.93 -4.94
CA VAL A 191 0.92 -10.70 -5.83
C VAL A 191 1.02 -9.45 -6.68
N ALA A 192 2.23 -8.87 -6.78
CA ALA A 192 2.44 -7.67 -7.55
C ALA A 192 3.31 -7.95 -8.78
N GLY A 193 3.40 -9.22 -9.16
CA GLY A 193 4.20 -9.62 -10.33
C GLY A 193 3.97 -8.76 -11.59
N PRO A 194 2.70 -8.55 -11.95
CA PRO A 194 2.48 -7.88 -13.24
C PRO A 194 2.68 -6.36 -13.22
N LEU A 195 3.17 -5.80 -12.12
CA LEU A 195 3.28 -4.35 -11.98
C LEU A 195 4.72 -3.85 -12.12
N LEU A 196 5.24 -3.14 -11.12
CA LEU A 196 6.63 -2.65 -11.20
C LEU A 196 7.64 -3.78 -11.35
N ARG A 197 7.38 -4.89 -10.66
CA ARG A 197 8.26 -6.04 -10.73
C ARG A 197 8.49 -6.56 -12.14
N SER A 198 7.53 -6.37 -13.03
CA SER A 198 7.64 -6.88 -14.41
C SER A 198 8.70 -6.15 -15.22
N ALA A 199 9.07 -4.95 -14.78
CA ALA A 199 10.03 -4.14 -15.50
C ALA A 199 11.39 -4.10 -14.81
N LEU A 200 11.53 -4.87 -13.74
CA LEU A 200 12.72 -4.81 -12.88
C LEU A 200 13.90 -5.61 -13.44
N PRO A 201 15.04 -4.94 -13.66
CA PRO A 201 16.24 -5.62 -14.17
C PRO A 201 16.85 -6.54 -13.13
N ALA A 202 17.66 -7.49 -13.59
CA ALA A 202 18.28 -8.44 -12.68
C ALA A 202 19.20 -7.70 -11.73
N GLY A 203 19.23 -8.17 -10.48
CA GLY A 203 20.11 -7.58 -9.46
C GLY A 203 19.46 -6.48 -8.64
N TRP A 204 18.28 -6.03 -9.05
CA TRP A 204 17.63 -4.92 -8.34
C TRP A 204 16.88 -5.38 -7.09
N PHE A 205 16.77 -4.48 -6.12
CA PHE A 205 15.95 -4.72 -4.94
C PHE A 205 14.58 -4.08 -5.12
N ILE A 206 13.52 -4.81 -4.80
CA ILE A 206 12.21 -4.15 -4.66
C ILE A 206 11.41 -4.67 -3.46
N ALA A 207 10.81 -3.73 -2.73
CA ALA A 207 9.87 -4.08 -1.67
C ALA A 207 8.63 -3.27 -1.98
N ASP A 208 7.48 -3.93 -2.10
CA ASP A 208 6.29 -3.22 -2.58
C ASP A 208 5.00 -3.76 -1.99
N LYS A 209 3.92 -3.01 -2.20
CA LYS A 209 2.57 -3.42 -1.83
C LYS A 209 1.59 -2.85 -2.85
N SER A 210 0.77 -3.73 -3.43
CA SER A 210 -0.18 -3.33 -4.47
C SER A 210 -1.57 -3.16 -3.87
N GLY A 211 -2.52 -2.75 -4.69
CA GLY A 211 -3.92 -2.71 -4.27
C GLY A 211 -4.83 -2.64 -5.48
N ALA A 212 -6.09 -3.02 -5.30
CA ALA A 212 -7.09 -2.92 -6.36
C ALA A 212 -8.43 -2.58 -5.73
N GLY A 213 -9.23 -1.80 -6.44
CA GLY A 213 -10.55 -1.44 -5.92
C GLY A 213 -11.56 -1.29 -7.02
N GLU A 214 -12.75 -0.85 -6.65
CA GLU A 214 -13.82 -0.60 -7.62
C GLU A 214 -13.52 0.63 -8.45
N ARG A 215 -14.29 0.84 -9.51
CA ARG A 215 -14.17 2.06 -10.31
C ARG A 215 -12.78 2.25 -10.91
N GLY A 216 -12.20 1.16 -11.41
CA GLY A 216 -10.94 1.21 -12.16
C GLY A 216 -9.73 1.50 -11.28
N SER A 217 -9.87 1.27 -9.98
CA SER A 217 -8.83 1.64 -9.02
C SER A 217 -7.71 0.60 -8.94
N ARG A 218 -6.49 1.11 -8.94
CA ARG A 218 -5.29 0.27 -8.85
C ARG A 218 -4.18 1.12 -8.27
N GLY A 219 -3.24 0.50 -7.57
CA GLY A 219 -2.14 1.28 -7.00
C GLY A 219 -0.98 0.41 -6.55
N ILE A 220 0.19 1.04 -6.39
CA ILE A 220 1.36 0.35 -5.85
C ILE A 220 2.24 1.34 -5.12
N ILE A 221 2.82 0.88 -4.03
CA ILE A 221 3.81 1.66 -3.31
C ILE A 221 5.07 0.80 -3.24
N ALA A 222 6.23 1.43 -3.42
CA ALA A 222 7.45 0.65 -3.52
C ALA A 222 8.70 1.37 -3.06
N ALA A 223 9.62 0.59 -2.50
CA ALA A 223 10.98 1.04 -2.27
C ALA A 223 11.87 0.17 -3.16
N LEU A 224 12.63 0.77 -4.07
CA LEU A 224 13.36 -0.04 -5.01
C LEU A 224 14.69 0.60 -5.40
N GLY A 225 15.60 -0.20 -5.94
CA GLY A 225 16.88 0.33 -6.38
C GLY A 225 17.81 -0.72 -6.97
N PRO A 226 18.87 -0.25 -7.62
CA PRO A 226 19.84 -1.18 -8.23
C PRO A 226 20.79 -1.78 -7.18
N ASP A 227 21.51 -2.82 -7.57
CA ASP A 227 22.57 -3.37 -6.71
C ASP A 227 22.05 -3.86 -5.38
N GLY A 228 20.86 -4.44 -5.37
CA GLY A 228 20.33 -5.12 -4.18
C GLY A 228 19.99 -4.24 -2.99
N LYS A 229 19.84 -2.93 -3.20
CA LYS A 229 19.46 -2.03 -2.12
C LYS A 229 18.48 -0.99 -2.62
N PRO A 230 17.45 -0.67 -1.83
CA PRO A 230 16.49 0.36 -2.27
C PRO A 230 17.09 1.75 -2.15
N SER A 231 16.76 2.63 -3.11
CA SER A 231 17.31 3.99 -3.09
C SER A 231 16.26 5.04 -3.43
N ARG A 232 15.08 4.60 -3.83
CA ARG A 232 13.99 5.52 -4.14
C ARG A 232 12.64 4.91 -3.75
N ILE A 233 11.68 5.79 -3.47
CA ILE A 233 10.30 5.40 -3.18
C ILE A 233 9.45 5.80 -4.38
N VAL A 234 8.61 4.89 -4.84
CA VAL A 234 7.68 5.16 -5.94
C VAL A 234 6.25 4.84 -5.48
N VAL A 235 5.34 5.78 -5.72
CA VAL A 235 3.93 5.57 -5.46
C VAL A 235 3.17 5.90 -6.74
N ILE A 236 2.35 4.97 -7.19
CA ILE A 236 1.47 5.18 -8.32
C ILE A 236 0.06 4.80 -7.92
N TYR A 237 -0.90 5.70 -8.13
CA TYR A 237 -2.32 5.38 -7.91
C TYR A 237 -3.13 5.71 -9.16
N MET A 238 -4.23 5.00 -9.36
CA MET A 238 -5.15 5.37 -10.42
C MET A 238 -6.58 5.10 -10.00
N THR A 239 -7.50 5.95 -10.42
CA THR A 239 -8.90 5.75 -10.09
C THR A 239 -9.85 6.48 -11.04
N GLY A 240 -11.08 5.99 -11.15
CA GLY A 240 -12.14 6.73 -11.83
C GLY A 240 -12.29 6.47 -13.31
N SER A 241 -11.86 5.28 -13.73
CA SER A 241 -12.06 4.86 -15.11
C SER A 241 -12.81 3.53 -15.14
N GLN A 242 -13.04 3.02 -16.35
CA GLN A 242 -13.73 1.75 -16.50
C GLN A 242 -12.74 0.73 -17.05
N ALA A 243 -11.46 1.04 -16.88
CA ALA A 243 -10.39 0.19 -17.38
C ALA A 243 -10.42 -1.19 -16.75
N THR A 244 -10.16 -2.20 -17.57
CA THR A 244 -10.07 -3.58 -17.12
C THR A 244 -8.79 -3.76 -16.30
N MET A 245 -8.74 -4.84 -15.52
CA MET A 245 -7.56 -5.13 -14.70
C MET A 245 -6.29 -5.20 -15.55
N ASP A 246 -6.36 -5.92 -16.66
CA ASP A 246 -5.19 -6.09 -17.54
C ASP A 246 -4.65 -4.75 -18.03
N GLU A 247 -5.53 -3.85 -18.45
CA GLU A 247 -5.09 -2.56 -18.98
C GLU A 247 -4.44 -1.69 -17.91
N ARG A 248 -5.04 -1.68 -16.72
CA ARG A 248 -4.48 -0.95 -15.60
C ARG A 248 -3.11 -1.51 -15.19
N ASN A 249 -2.99 -2.83 -15.17
CA ASN A 249 -1.71 -3.49 -14.95
C ASN A 249 -0.66 -3.06 -15.98
N ARG A 250 -1.08 -3.05 -17.25
CA ARG A 250 -0.16 -2.71 -18.34
C ARG A 250 0.39 -1.30 -18.18
N GLN A 251 -0.49 -0.36 -17.87
CA GLN A 251 -0.05 1.03 -17.76
C GLN A 251 0.93 1.21 -16.61
N ILE A 252 0.64 0.55 -15.49
CA ILE A 252 1.56 0.62 -14.34
C ILE A 252 2.91 0.00 -14.69
N ALA A 253 2.89 -1.15 -15.34
CA ALA A 253 4.13 -1.78 -15.77
C ALA A 253 4.90 -0.88 -16.71
N GLU A 254 4.18 -0.21 -17.61
CA GLU A 254 4.81 0.69 -18.57
C GLU A 254 5.40 1.94 -17.90
N ILE A 255 4.70 2.47 -16.90
CA ILE A 255 5.26 3.55 -16.09
C ILE A 255 6.52 3.07 -15.39
N GLY A 256 6.49 1.82 -14.93
CA GLY A 256 7.64 1.22 -14.27
C GLY A 256 8.82 1.09 -15.24
N ALA A 257 8.56 0.52 -16.41
CA ALA A 257 9.58 0.40 -17.44
C ALA A 257 10.21 1.76 -17.73
N SER A 258 9.38 2.82 -17.71
CA SER A 258 9.87 4.15 -18.01
CA SER A 258 9.87 4.16 -18.00
C SER A 258 10.78 4.69 -16.90
N LEU A 259 10.36 4.54 -15.65
CA LEU A 259 11.11 5.12 -14.54
C LEU A 259 12.42 4.36 -14.31
N ILE A 260 12.46 3.09 -14.69
CA ILE A 260 13.70 2.28 -14.64
C ILE A 260 14.64 2.71 -15.76
N LYS A 261 14.08 2.80 -16.96
CA LYS A 261 14.87 3.17 -18.14
CA LYS A 261 14.85 3.18 -18.15
C LYS A 261 15.48 4.56 -17.96
N HIS A 262 14.70 5.46 -17.35
CA HIS A 262 15.13 6.84 -17.12
C HIS A 262 15.56 7.16 -15.69
N TRP A 263 16.00 6.12 -14.98
CA TRP A 263 16.45 6.24 -13.60
C TRP A 263 17.50 7.34 -13.43
C1 EDO B . -12.87 -9.22 12.03
O1 EDO B . -12.59 -10.59 11.71
C2 EDO B . -11.61 -8.57 12.57
O2 EDO B . -11.49 -8.87 13.96
CA CA C . -4.62 14.54 -18.11
C3 2UL D . -10.79 -5.72 -6.06
C4 2UL D . -10.43 -6.44 -7.20
C5 2UL D . -10.35 -7.83 -7.18
C6 2UL D . -10.62 -8.50 -5.99
C7 2UL D . -10.97 -7.79 -4.85
C2 2UL D . -11.06 -6.40 -4.87
C1 2UL D . -11.43 -5.62 -3.67
N2 2UL D . -12.82 -5.91 -3.23
C8 2UL D . -10.50 -5.94 -2.52
O5 2UL D . -10.93 -6.59 -1.57
N1 2UL D . -9.25 -5.49 -2.60
C11 2UL D . -8.27 -5.75 -1.53
B 2UL D . -7.44 -4.37 -1.40
O4 2UL D . -7.73 -3.47 -0.23
O3 2UL D . -6.64 -3.81 -2.56
C9 2UL D . -7.53 -7.04 -1.92
C16 2UL D . -6.89 -7.09 -3.31
C17 2UL D . -5.53 -6.69 -3.36
C21 2UL D . -7.61 -7.57 -4.46
C20 2UL D . -6.96 -7.64 -5.71
C19 2UL D . -5.89 -7.16 -5.25
C18 2UL D . -4.91 -6.73 -4.60
C22 2UL D . -3.50 -6.34 -4.86
O2 2UL D . -2.82 -6.24 -3.82
O1 2UL D . -3.04 -6.17 -6.01
#